data_3WPN
#
_entry.id   3WPN
#
_cell.length_a   71.912
_cell.length_b   95.425
_cell.length_c   59.015
_cell.angle_alpha   90.00
_cell.angle_beta   90.00
_cell.angle_gamma   90.00
#
_symmetry.space_group_name_H-M   'P 21 21 21'
#
loop_
_entity.id
_entity.type
_entity.pdbx_description
1 polymer 'Kinesin-like protein KIF11'
2 non-polymer "3'-fluoro-4'-(trifluoromethyl)biphenyl-4-sulfonamide"
3 water water
#
_entity_poly.entity_id   1
_entity_poly.type   'polypeptide(L)'
_entity_poly.pdbx_seq_one_letter_code
;MNHKVHMASQPNSSAKKKEEKGKNIQVVVRCRPFNLAERKASAHSIVECDPVRKEVSVRTGGLADKSSRKTYTFDMVFGA
STKQIDVYRSVVCPILDEVIMGYNCTIFAYGQTGTGKTFTMEGERSPNEEYTWEEDPLAGIIPRTLHQIFEKLTDNGTEF
SVKVSLLEIYNEELFDLLNPSSDVSERLQMFDDPRNKRGVIIKGLEEITVHNKDEVYQILEKGAAKRTTAATLMNAYSSR
SHSVFSVTIHMKETTIDGEELVKIGKLNLVDLAGSENIGRSGAVDKRAREAGNINQSLLTLGRVITALVERTPHVPYRES
KLTRILQDSLGGRTRTSIIATISPASLNLEETLSTLEYAHRAKNILNKPEVNQKLQHHHHHH
;
_entity_poly.pdbx_strand_id   A
#
loop_
_chem_comp.id
_chem_comp.type
_chem_comp.name
_chem_comp.formula
B4S non-polymer 3'-fluoro-4'-(trifluoromethyl)biphenyl-4-sulfonamide 'C13 H9 F4 N O2 S'
#
# COMPACT_ATOMS: atom_id res chain seq x y z
N LYS A 21 2.61 -23.28 6.08
CA LYS A 21 2.58 -22.64 4.72
C LYS A 21 2.10 -21.21 4.81
N GLY A 22 2.82 -20.29 4.17
CA GLY A 22 2.50 -18.88 4.21
C GLY A 22 3.63 -17.98 3.81
N LYS A 23 3.35 -16.68 3.73
CA LYS A 23 4.36 -15.67 3.46
C LYS A 23 4.21 -14.54 4.44
N ASN A 24 5.20 -14.29 5.28
CA ASN A 24 5.17 -13.11 6.13
C ASN A 24 5.11 -11.87 5.27
N ILE A 25 4.43 -10.84 5.75
CA ILE A 25 4.34 -9.55 5.08
C ILE A 25 5.76 -9.03 4.81
N GLN A 26 5.99 -8.52 3.60
CA GLN A 26 7.30 -8.00 3.24
C GLN A 26 7.35 -6.54 3.68
N VAL A 27 8.34 -6.20 4.50
CA VAL A 27 8.48 -4.83 4.99
C VAL A 27 9.82 -4.22 4.57
N VAL A 28 9.74 -3.09 3.89
CA VAL A 28 10.96 -2.35 3.56
C VAL A 28 10.92 -1.01 4.27
N VAL A 29 12.05 -0.61 4.82
CA VAL A 29 12.16 0.72 5.40
C VAL A 29 13.08 1.58 4.55
N ARG A 30 12.59 2.79 4.28
CA ARG A 30 13.32 3.80 3.54
C ARG A 30 13.55 5.03 4.42
N CYS A 31 14.77 5.53 4.43
CA CYS A 31 15.07 6.78 5.10
C CYS A 31 15.22 7.87 4.05
N ARG A 32 14.51 8.98 4.26
CA ARG A 32 14.49 10.06 3.29
C ARG A 32 15.52 11.12 3.66
N PRO A 33 15.86 12.01 2.71
CA PRO A 33 16.78 13.09 3.05
C PRO A 33 16.18 14.03 4.08
N PHE A 34 17.00 14.96 4.60
CA PHE A 34 16.52 15.98 5.52
C PHE A 34 15.63 16.90 4.71
N ASN A 35 14.50 17.30 5.29
CA ASN A 35 13.69 18.36 4.70
C ASN A 35 14.10 19.72 5.25
N LEU A 36 13.72 20.78 4.54
CA LEU A 36 14.17 22.12 4.89
C LEU A 36 13.71 22.59 6.29
N ALA A 37 12.53 22.13 6.70
CA ALA A 37 11.99 22.44 8.03
C ALA A 37 12.78 21.75 9.15
N GLU A 38 13.69 20.85 8.76
CA GLU A 38 14.51 20.10 9.69
C GLU A 38 15.89 20.72 9.87
N ARG A 39 16.37 21.36 8.81
CA ARG A 39 17.62 22.10 8.88
C ARG A 39 17.43 23.36 9.75
N LYS A 40 16.30 24.02 9.54
CA LYS A 40 15.97 25.24 10.25
C LYS A 40 15.90 25.02 11.74
N ALA A 41 15.51 23.81 12.16
CA ALA A 41 15.42 23.50 13.58
C ALA A 41 16.74 22.97 14.10
N SER A 42 17.72 22.95 13.20
CA SER A 42 19.06 22.54 13.58
C SER A 42 19.12 21.08 14.02
N ALA A 43 18.24 20.26 13.45
CA ALA A 43 18.18 18.86 13.83
C ALA A 43 19.44 18.19 13.37
N HIS A 44 19.92 17.22 14.16
CA HIS A 44 21.02 16.40 13.68
C HIS A 44 20.51 15.05 13.18
N SER A 45 21.35 14.41 12.39
CA SER A 45 21.00 13.15 11.76
C SER A 45 21.18 12.00 12.74
N ILE A 46 20.14 11.18 12.94
CA ILE A 46 20.16 10.09 13.95
C ILE A 46 19.84 8.66 13.46
N VAL A 47 19.74 8.48 12.15
CA VAL A 47 19.33 7.22 11.58
C VAL A 47 20.46 6.67 10.74
N GLU A 48 20.74 5.38 10.89
CA GLU A 48 21.67 4.67 10.00
C GLU A 48 20.93 3.58 9.24
N CYS A 49 21.13 3.55 7.92
CA CYS A 49 20.48 2.58 7.05
C CYS A 49 21.51 1.73 6.34
N ASP A 50 21.62 0.49 6.79
CA ASP A 50 22.63 -0.43 6.29
C ASP A 50 22.02 -1.38 5.26
N PRO A 51 21.90 -0.93 4.00
CA PRO A 51 21.19 -1.77 3.03
C PRO A 51 21.73 -3.20 2.88
N VAL A 52 23.02 -3.42 3.09
CA VAL A 52 23.58 -4.76 2.91
C VAL A 52 23.17 -5.69 4.06
N ARG A 53 23.26 -5.19 5.30
CA ARG A 53 22.77 -5.91 6.46
C ARG A 53 21.24 -5.81 6.67
N LYS A 54 20.56 -4.94 5.92
CA LYS A 54 19.10 -4.77 5.99
C LYS A 54 18.68 -4.34 7.39
N GLU A 55 19.42 -3.38 7.93
CA GLU A 55 19.14 -2.90 9.26
C GLU A 55 19.10 -1.39 9.26
N VAL A 56 18.12 -0.85 9.95
CA VAL A 56 18.07 0.56 10.24
C VAL A 56 18.26 0.68 11.75
N SER A 57 19.00 1.69 12.16
CA SER A 57 19.44 1.82 13.54
C SER A 57 19.26 3.26 13.98
N VAL A 58 18.69 3.46 15.15
CA VAL A 58 18.35 4.80 15.60
C VAL A 58 19.09 5.15 16.89
N ARG A 59 19.71 6.33 16.92
CA ARG A 59 20.33 6.86 18.12
C ARG A 59 19.27 7.40 19.06
N THR A 60 19.21 6.87 20.27
CA THR A 60 18.11 7.21 21.19
C THR A 60 18.45 8.28 22.24
N GLY A 61 19.49 9.08 21.99
CA GLY A 61 19.80 10.25 22.82
C GLY A 61 21.19 10.83 22.59
N GLY A 62 21.34 12.13 22.85
CA GLY A 62 22.67 12.78 22.86
C GLY A 62 22.92 13.80 21.76
N ASP A 65 30.79 10.78 21.84
CA ASP A 65 29.33 10.85 21.79
C ASP A 65 28.65 9.53 22.16
N LYS A 66 27.36 9.63 22.53
CA LYS A 66 26.61 8.50 23.07
C LYS A 66 26.39 7.39 22.05
N SER A 67 26.37 6.15 22.55
CA SER A 67 26.15 4.97 21.73
C SER A 67 24.85 4.25 22.11
N SER A 68 23.89 5.01 22.64
CA SER A 68 22.54 4.50 22.89
C SER A 68 21.83 4.23 21.55
N ARG A 69 21.53 2.97 21.29
CA ARG A 69 20.99 2.54 20.00
C ARG A 69 19.83 1.57 20.13
N LYS A 70 18.95 1.60 19.12
CA LYS A 70 17.89 0.60 18.94
C LYS A 70 17.97 0.16 17.47
N THR A 71 18.15 -1.14 17.25
CA THR A 71 18.42 -1.65 15.91
C THR A 71 17.37 -2.65 15.44
N TYR A 72 16.83 -2.42 14.25
CA TYR A 72 15.78 -3.25 13.70
C TYR A 72 16.25 -3.88 12.41
N THR A 73 15.71 -5.04 12.09
CA THR A 73 15.96 -5.70 10.82
C THR A 73 14.70 -5.77 9.95
N PHE A 74 14.87 -5.56 8.64
CA PHE A 74 13.74 -5.58 7.74
C PHE A 74 14.01 -6.43 6.51
N ASP A 75 13.05 -6.50 5.61
CA ASP A 75 13.23 -7.26 4.38
C ASP A 75 14.14 -6.52 3.41
N MET A 76 14.09 -5.19 3.46
CA MET A 76 14.96 -4.35 2.64
C MET A 76 15.09 -3.04 3.34
N VAL A 77 16.25 -2.40 3.20
CA VAL A 77 16.50 -1.08 3.77
C VAL A 77 17.12 -0.16 2.73
N PHE A 78 16.62 1.07 2.65
CA PHE A 78 17.15 2.08 1.72
C PHE A 78 17.50 3.36 2.45
N GLY A 79 18.77 3.78 2.39
CA GLY A 79 19.17 5.13 2.78
C GLY A 79 18.72 6.26 1.85
N ALA A 80 18.94 7.49 2.29
CA ALA A 80 18.44 8.70 1.60
C ALA A 80 18.88 8.83 0.14
N SER A 81 20.07 8.32 -0.17
CA SER A 81 20.64 8.44 -1.51
C SER A 81 19.80 7.75 -2.59
N THR A 82 19.07 6.71 -2.20
CA THR A 82 18.20 6.00 -3.13
C THR A 82 16.94 6.81 -3.34
N LYS A 83 16.71 7.21 -4.59
CA LYS A 83 15.50 7.95 -4.96
C LYS A 83 14.25 7.16 -4.55
N GLN A 84 13.21 7.87 -4.14
CA GLN A 84 11.92 7.28 -3.77
C GLN A 84 11.38 6.33 -4.86
N ILE A 85 11.55 6.70 -6.12
CA ILE A 85 11.05 5.91 -7.26
C ILE A 85 11.73 4.57 -7.36
N ASP A 86 13.05 4.57 -7.19
CA ASP A 86 13.84 3.34 -7.20
C ASP A 86 13.38 2.40 -6.12
N VAL A 87 12.93 2.95 -4.99
CA VAL A 87 12.52 2.16 -3.84
C VAL A 87 11.21 1.46 -4.13
N TYR A 88 10.27 2.24 -4.69
CA TYR A 88 9.01 1.70 -5.13
C TYR A 88 9.27 0.63 -6.19
N ARG A 89 10.10 0.97 -7.17
CA ARG A 89 10.43 0.06 -8.26
C ARG A 89 10.85 -1.28 -7.70
N SER A 90 11.77 -1.24 -6.74
CA SER A 90 12.33 -2.45 -6.13
C SER A 90 11.27 -3.30 -5.44
N VAL A 91 10.16 -2.67 -5.04
CA VAL A 91 9.09 -3.35 -4.34
C VAL A 91 7.88 -3.63 -5.22
N VAL A 92 7.60 -2.75 -6.19
CA VAL A 92 6.41 -2.90 -7.03
C VAL A 92 6.55 -3.92 -8.16
N CYS A 93 7.55 -3.75 -8.99
CA CYS A 93 7.77 -4.66 -10.12
C CYS A 93 7.71 -6.15 -9.75
N PRO A 94 8.44 -6.58 -8.70
CA PRO A 94 8.29 -7.98 -8.30
C PRO A 94 6.82 -8.33 -7.93
N ILE A 95 6.10 -7.39 -7.31
CA ILE A 95 4.68 -7.61 -7.00
C ILE A 95 3.85 -7.79 -8.28
N LEU A 96 4.09 -6.95 -9.28
CA LEU A 96 3.27 -6.98 -10.50
C LEU A 96 3.30 -8.37 -11.14
N ASP A 97 4.45 -9.03 -11.07
CA ASP A 97 4.51 -10.40 -11.56
C ASP A 97 3.58 -11.35 -10.78
N GLU A 98 3.45 -11.13 -9.47
CA GLU A 98 2.57 -11.90 -8.61
C GLU A 98 1.13 -11.61 -8.95
N VAL A 99 0.84 -10.35 -9.22
CA VAL A 99 -0.49 -9.98 -9.63
C VAL A 99 -0.86 -10.82 -10.85
N ILE A 100 0.03 -10.87 -11.84
CA ILE A 100 -0.20 -11.57 -13.12
C ILE A 100 -0.27 -13.08 -12.97
N MET A 101 0.41 -13.61 -11.96
CA MET A 101 0.32 -15.02 -11.63
C MET A 101 -1.07 -15.32 -11.07
N GLY A 102 -1.73 -14.29 -10.56
CA GLY A 102 -3.11 -14.39 -10.08
C GLY A 102 -3.36 -14.20 -8.58
N TYR A 103 -2.39 -13.66 -7.86
CA TYR A 103 -2.58 -13.40 -6.46
C TYR A 103 -3.28 -12.05 -6.27
N ASN A 104 -3.87 -11.84 -5.09
CA ASN A 104 -4.25 -10.49 -4.70
C ASN A 104 -3.09 -9.91 -3.89
N CYS A 105 -2.65 -8.71 -4.24
CA CYS A 105 -1.55 -8.07 -3.52
C CYS A 105 -1.88 -6.66 -3.06
N THR A 106 -1.26 -6.27 -1.95
CA THR A 106 -1.48 -4.96 -1.42
C THR A 106 -0.14 -4.43 -0.98
N ILE A 107 0.13 -3.17 -1.32
CA ILE A 107 1.27 -2.45 -0.83
C ILE A 107 0.78 -1.27 0.01
N PHE A 108 1.22 -1.20 1.27
CA PHE A 108 0.97 -0.08 2.17
C PHE A 108 2.15 0.85 2.16
N ALA A 109 1.89 2.12 1.87
CA ALA A 109 2.92 3.16 1.93
C ALA A 109 2.63 4.03 3.11
N TYR A 110 3.61 4.16 4.00
CA TYR A 110 3.46 4.97 5.20
C TYR A 110 4.68 5.85 5.46
N GLY A 111 4.48 7.15 5.59
CA GLY A 111 5.59 8.10 5.75
C GLY A 111 5.63 9.26 4.76
N GLN A 112 5.04 9.06 3.56
CA GLN A 112 5.22 9.97 2.37
C GLN A 112 4.86 11.43 2.58
N THR A 113 5.75 12.32 2.12
CA THR A 113 5.65 13.80 2.27
C THR A 113 5.67 14.35 3.71
N TRP A 133 14.48 17.20 -7.56
CA TRP A 133 13.44 17.81 -6.70
C TRP A 133 12.15 17.00 -6.80
N GLU A 134 11.14 17.41 -6.04
CA GLU A 134 9.82 16.76 -6.00
C GLU A 134 9.78 15.50 -5.13
N GLU A 135 8.62 15.27 -4.51
CA GLU A 135 8.35 14.12 -3.66
C GLU A 135 6.90 13.67 -3.91
N ASP A 136 6.74 12.38 -4.23
CA ASP A 136 5.45 11.88 -4.71
C ASP A 136 4.93 10.70 -3.87
N PRO A 137 3.60 10.61 -3.66
CA PRO A 137 3.06 9.49 -2.90
C PRO A 137 2.99 8.22 -3.75
N LEU A 138 2.23 7.24 -3.29
CA LEU A 138 2.13 5.95 -3.99
C LEU A 138 1.37 6.11 -5.30
N ALA A 139 0.42 7.05 -5.30
CA ALA A 139 -0.38 7.35 -6.48
C ALA A 139 0.48 7.75 -7.68
N GLY A 140 1.58 8.45 -7.41
CA GLY A 140 2.48 8.96 -8.45
C GLY A 140 3.20 7.93 -9.30
N ILE A 141 3.10 6.65 -8.92
CA ILE A 141 3.72 5.55 -9.67
C ILE A 141 2.72 4.61 -10.32
N ILE A 142 1.44 4.93 -10.17
CA ILE A 142 0.34 4.21 -10.80
C ILE A 142 0.45 4.09 -12.35
N PRO A 143 0.69 5.22 -13.06
CA PRO A 143 0.85 5.14 -14.52
C PRO A 143 2.02 4.27 -14.95
N ARG A 144 3.07 4.23 -14.13
CA ARG A 144 4.22 3.36 -14.37
C ARG A 144 3.79 1.92 -14.12
N THR A 145 3.00 1.75 -13.08
CA THR A 145 2.51 0.45 -12.72
C THR A 145 1.73 -0.15 -13.89
N LEU A 146 0.67 0.55 -14.32
CA LEU A 146 -0.14 0.09 -15.42
C LEU A 146 0.65 -0.18 -16.72
N HIS A 147 1.64 0.67 -17.02
CA HIS A 147 2.54 0.45 -18.17
C HIS A 147 3.19 -0.94 -18.18
N GLN A 148 3.92 -1.27 -17.11
CA GLN A 148 4.50 -2.61 -16.94
C GLN A 148 3.44 -3.71 -17.12
N ILE A 149 2.30 -3.53 -16.46
CA ILE A 149 1.23 -4.52 -16.51
C ILE A 149 0.74 -4.75 -17.95
N PHE A 150 0.39 -3.67 -18.63
CA PHE A 150 0.09 -3.76 -20.06
C PHE A 150 1.24 -4.38 -20.85
N GLU A 151 2.47 -3.91 -20.62
CA GLU A 151 3.61 -4.46 -21.36
C GLU A 151 3.88 -5.95 -21.14
N LYS A 152 3.63 -6.45 -19.94
CA LYS A 152 3.88 -7.85 -19.69
C LYS A 152 2.79 -8.66 -20.36
N LEU A 153 1.57 -8.18 -20.24
CA LEU A 153 0.43 -8.88 -20.79
C LEU A 153 0.42 -8.89 -22.32
N THR A 154 0.64 -7.73 -22.93
CA THR A 154 0.48 -7.55 -24.39
C THR A 154 1.60 -8.19 -25.19
N ASP A 155 2.84 -7.97 -24.77
CA ASP A 155 3.97 -8.53 -25.53
C ASP A 155 4.00 -10.05 -25.37
N ASN A 156 2.98 -10.58 -24.73
CA ASN A 156 2.82 -12.00 -24.43
C ASN A 156 1.51 -12.50 -25.03
N GLY A 157 0.89 -11.67 -25.89
CA GLY A 157 -0.29 -12.03 -26.68
C GLY A 157 -1.47 -12.54 -25.91
N THR A 158 -1.51 -12.17 -24.63
CA THR A 158 -2.49 -12.63 -23.67
C THR A 158 -3.73 -11.75 -23.69
N GLU A 159 -4.89 -12.37 -23.48
CA GLU A 159 -6.14 -11.63 -23.50
C GLU A 159 -6.55 -11.24 -22.08
N PHE A 160 -6.71 -9.93 -21.88
CA PHE A 160 -6.95 -9.40 -20.55
C PHE A 160 -7.85 -8.16 -20.57
N SER A 161 -8.40 -7.86 -19.41
CA SER A 161 -9.05 -6.59 -19.15
C SER A 161 -8.45 -5.98 -17.91
N VAL A 162 -8.54 -4.66 -17.83
CA VAL A 162 -8.03 -3.90 -16.71
C VAL A 162 -9.08 -2.90 -16.22
N LYS A 163 -9.52 -3.04 -14.98
CA LYS A 163 -10.45 -2.09 -14.35
C LYS A 163 -9.79 -1.47 -13.12
N VAL A 164 -9.91 -0.16 -12.98
CA VAL A 164 -9.34 0.52 -11.81
C VAL A 164 -10.37 1.20 -10.92
N SER A 165 -10.00 1.36 -9.63
CA SER A 165 -10.82 2.06 -8.63
C SER A 165 -9.95 3.02 -7.88
N LEU A 166 -10.56 4.03 -7.28
CA LEU A 166 -9.84 4.96 -6.41
C LEU A 166 -10.76 5.53 -5.34
N LEU A 167 -10.60 5.08 -4.11
CA LEU A 167 -11.38 5.63 -3.01
C LEU A 167 -10.51 6.31 -1.95
N GLU A 168 -11.15 7.14 -1.16
CA GLU A 168 -10.46 7.91 -0.17
C GLU A 168 -11.18 7.63 1.12
N ILE A 169 -10.44 7.36 2.17
CA ILE A 169 -11.06 7.19 3.47
C ILE A 169 -10.82 8.46 4.28
N TYR A 170 -11.91 9.18 4.56
CA TYR A 170 -11.85 10.42 5.33
C TYR A 170 -12.81 10.41 6.53
N ASN A 171 -12.27 10.66 7.72
CA ASN A 171 -13.07 10.68 8.93
C ASN A 171 -14.01 9.46 9.02
N GLU A 172 -13.45 8.30 8.72
CA GLU A 172 -14.20 7.04 8.73
C GLU A 172 -15.33 6.94 7.72
N GLU A 173 -15.25 7.72 6.64
CA GLU A 173 -16.27 7.68 5.59
C GLU A 173 -15.64 7.38 4.24
N LEU A 174 -16.37 6.67 3.40
CA LEU A 174 -15.90 6.35 2.06
C LEU A 174 -16.20 7.44 1.03
N PHE A 175 -15.21 7.84 0.26
CA PHE A 175 -15.45 8.75 -0.85
C PHE A 175 -14.80 8.30 -2.16
N ASP A 176 -15.65 7.98 -3.15
CA ASP A 176 -15.24 7.69 -4.52
C ASP A 176 -14.62 8.88 -5.23
N LEU A 177 -13.47 8.67 -5.85
CA LEU A 177 -12.75 9.78 -6.49
C LEU A 177 -12.68 9.67 -8.01
N LEU A 178 -13.34 8.66 -8.59
CA LEU A 178 -13.37 8.51 -10.04
C LEU A 178 -14.76 8.75 -10.59
N ASN A 179 -15.75 8.75 -9.71
CA ASN A 179 -17.09 9.16 -10.10
C ASN A 179 -17.10 10.65 -10.45
N PRO A 180 -17.41 10.96 -11.72
CA PRO A 180 -17.29 12.36 -12.16
C PRO A 180 -18.52 13.23 -11.84
N SER A 181 -19.72 12.70 -12.07
CA SER A 181 -20.96 13.48 -12.01
C SER A 181 -21.56 13.62 -10.61
N SER A 182 -21.51 12.53 -9.84
CA SER A 182 -22.02 12.51 -8.45
C SER A 182 -21.41 13.61 -7.59
N ASP A 183 -22.21 14.18 -6.69
CA ASP A 183 -21.77 15.26 -5.82
C ASP A 183 -20.52 14.88 -5.03
N VAL A 184 -19.53 15.77 -5.02
CA VAL A 184 -18.21 15.52 -4.44
C VAL A 184 -18.22 15.28 -2.92
N SER A 185 -19.29 15.71 -2.25
CA SER A 185 -19.39 15.60 -0.80
C SER A 185 -20.20 14.40 -0.32
N GLU A 186 -20.56 13.51 -1.24
CA GLU A 186 -21.39 12.33 -0.92
C GLU A 186 -20.57 11.05 -0.71
N ARG A 187 -21.01 10.22 0.22
CA ARG A 187 -20.28 9.01 0.60
C ARG A 187 -20.71 7.73 -0.16
N LEU A 188 -20.22 6.60 0.33
CA LEU A 188 -20.55 5.29 -0.22
C LEU A 188 -20.91 4.38 0.94
N GLN A 189 -21.76 3.40 0.69
CA GLN A 189 -22.16 2.48 1.76
C GLN A 189 -21.49 1.14 1.57
N MET A 190 -21.27 0.44 2.68
CA MET A 190 -20.63 -0.87 2.63
C MET A 190 -21.22 -1.89 3.59
N PHE A 191 -21.50 -3.07 3.05
CA PHE A 191 -22.08 -4.17 3.81
C PHE A 191 -21.14 -5.35 3.73
N ASP A 192 -21.54 -6.47 4.32
CA ASP A 192 -20.76 -7.71 4.23
C ASP A 192 -21.38 -8.65 3.21
N ASP A 193 -20.63 -8.99 2.17
CA ASP A 193 -21.11 -9.89 1.13
C ASP A 193 -20.93 -11.35 1.58
N PRO A 194 -22.05 -12.10 1.72
CA PRO A 194 -22.01 -13.50 2.18
C PRO A 194 -21.16 -14.41 1.28
N ARG A 195 -21.21 -14.15 -0.03
CA ARG A 195 -20.38 -14.83 -1.01
C ARG A 195 -18.92 -14.86 -0.56
N ASN A 196 -18.47 -13.74 0.02
CA ASN A 196 -17.14 -13.60 0.60
C ASN A 196 -17.24 -13.24 2.09
N LYS A 197 -17.65 -14.21 2.91
CA LYS A 197 -18.01 -13.98 4.33
C LYS A 197 -17.06 -13.10 5.18
N ARG A 198 -15.78 -13.04 4.80
CA ARG A 198 -14.78 -12.24 5.52
C ARG A 198 -14.41 -10.94 4.79
N GLY A 199 -15.22 -10.54 3.83
CA GLY A 199 -14.93 -9.38 2.97
C GLY A 199 -16.14 -8.50 2.81
N VAL A 200 -15.96 -7.36 2.13
CA VAL A 200 -16.98 -6.31 2.09
C VAL A 200 -17.33 -5.90 0.66
N ILE A 201 -18.46 -5.21 0.49
CA ILE A 201 -18.81 -4.61 -0.80
C ILE A 201 -19.21 -3.13 -0.70
N ILE A 202 -18.54 -2.31 -1.50
CA ILE A 202 -18.72 -0.87 -1.50
C ILE A 202 -19.59 -0.52 -2.72
N LYS A 203 -20.90 -0.56 -2.54
CA LYS A 203 -21.82 -0.24 -3.62
C LYS A 203 -21.63 1.20 -4.12
N GLY A 204 -21.70 1.38 -5.44
CA GLY A 204 -21.54 2.67 -6.05
C GLY A 204 -20.15 3.00 -6.58
N LEU A 205 -19.18 2.14 -6.26
CA LEU A 205 -17.78 2.42 -6.57
C LEU A 205 -17.53 2.23 -8.05
N GLU A 206 -17.00 3.26 -8.71
CA GLU A 206 -16.79 3.25 -10.16
C GLU A 206 -15.57 2.43 -10.53
N GLU A 207 -15.80 1.26 -11.12
CA GLU A 207 -14.72 0.50 -11.74
C GLU A 207 -14.57 1.08 -13.13
N ILE A 208 -13.38 1.54 -13.48
CA ILE A 208 -13.11 2.01 -14.83
C ILE A 208 -12.15 1.12 -15.61
N THR A 209 -12.66 0.54 -16.69
CA THR A 209 -11.86 -0.18 -17.69
C THR A 209 -10.77 0.66 -18.36
N VAL A 210 -9.58 0.09 -18.51
CA VAL A 210 -8.42 0.78 -19.06
C VAL A 210 -7.75 -0.09 -20.12
N HIS A 211 -7.56 0.49 -21.31
CA HIS A 211 -7.04 -0.25 -22.47
C HIS A 211 -5.64 0.20 -22.82
N ASN A 212 -5.42 1.50 -22.77
CA ASN A 212 -4.13 2.06 -23.14
C ASN A 212 -3.50 2.72 -21.93
N LYS A 213 -2.18 2.69 -21.87
CA LYS A 213 -1.43 3.20 -20.71
C LYS A 213 -1.47 4.72 -20.62
N ASP A 214 -2.45 5.31 -21.30
CA ASP A 214 -2.65 6.76 -21.34
C ASP A 214 -3.86 7.15 -20.53
N GLU A 215 -4.97 6.44 -20.76
CA GLU A 215 -6.22 6.67 -20.03
C GLU A 215 -5.95 6.83 -18.55
N VAL A 216 -4.97 6.11 -18.03
CA VAL A 216 -4.55 6.21 -16.64
C VAL A 216 -4.32 7.67 -16.23
N TYR A 217 -3.48 8.38 -16.98
CA TYR A 217 -3.20 9.78 -16.73
C TYR A 217 -4.48 10.62 -16.67
N GLN A 218 -5.33 10.48 -17.69
CA GLN A 218 -6.58 11.25 -17.80
C GLN A 218 -7.46 10.99 -16.57
N ILE A 219 -7.63 9.72 -16.25
CA ILE A 219 -8.39 9.29 -15.09
C ILE A 219 -7.70 9.65 -13.75
N LEU A 220 -6.40 9.41 -13.66
CA LEU A 220 -5.63 9.67 -12.44
C LEU A 220 -5.72 11.13 -11.97
N GLU A 221 -5.51 12.06 -12.90
CA GLU A 221 -5.48 13.48 -12.58
C GLU A 221 -6.86 13.98 -12.21
N LYS A 222 -7.85 13.62 -13.03
CA LYS A 222 -9.25 13.97 -12.73
C LYS A 222 -9.75 13.21 -11.51
N GLY A 223 -8.80 12.66 -10.74
CA GLY A 223 -9.06 12.04 -9.45
C GLY A 223 -8.52 12.88 -8.32
N ALA A 224 -7.35 13.48 -8.54
CA ALA A 224 -6.76 14.44 -7.59
C ALA A 224 -7.63 15.69 -7.53
N ALA A 225 -8.34 15.96 -8.63
CA ALA A 225 -9.20 17.13 -8.78
C ALA A 225 -10.54 16.98 -8.05
N LYS A 226 -10.71 15.87 -7.34
CA LYS A 226 -11.91 15.63 -6.54
C LYS A 226 -11.58 15.48 -5.04
N ARG A 227 -10.32 15.15 -4.75
CA ARG A 227 -9.85 15.04 -3.36
C ARG A 227 -9.37 16.38 -2.81
N THR A 228 -9.40 17.39 -3.68
CA THR A 228 -9.07 18.77 -3.30
C THR A 228 -10.24 19.40 -2.54
N THR A 229 -10.04 19.60 -1.24
CA THR A 229 -11.09 20.17 -0.37
C THR A 229 -10.52 21.21 0.60
N ALA A 230 -9.29 20.97 1.06
CA ALA A 230 -8.51 21.93 1.88
C ALA A 230 -9.19 22.35 3.20
N SER A 238 -7.63 16.16 3.05
CA SER A 238 -6.69 15.32 2.25
C SER A 238 -5.38 14.95 3.00
N SER A 239 -4.94 15.81 3.92
CA SER A 239 -3.78 15.50 4.75
C SER A 239 -4.12 14.45 5.82
N ARG A 240 -5.40 14.24 6.06
CA ARG A 240 -5.84 13.27 7.07
C ARG A 240 -6.55 12.08 6.43
N SER A 241 -6.41 11.92 5.12
CA SER A 241 -7.15 10.89 4.41
C SER A 241 -6.26 9.78 3.85
N HIS A 242 -6.78 8.57 3.82
CA HIS A 242 -6.12 7.43 3.22
C HIS A 242 -6.67 7.23 1.83
N SER A 243 -5.82 6.91 0.86
CA SER A 243 -6.29 6.56 -0.48
C SER A 243 -5.95 5.13 -0.87
N VAL A 244 -6.95 4.41 -1.34
CA VAL A 244 -6.77 3.07 -1.84
C VAL A 244 -6.97 3.11 -3.35
N PHE A 245 -5.90 2.87 -4.11
CA PHE A 245 -6.04 2.63 -5.52
C PHE A 245 -6.05 1.12 -5.81
N SER A 246 -6.97 0.68 -6.66
CA SER A 246 -7.07 -0.73 -7.00
C SER A 246 -7.09 -1.01 -8.50
N VAL A 247 -6.18 -1.91 -8.92
CA VAL A 247 -6.16 -2.46 -10.27
C VAL A 247 -6.58 -3.91 -10.32
N THR A 248 -7.68 -4.19 -11.01
CA THR A 248 -8.13 -5.57 -11.20
C THR A 248 -7.83 -6.02 -12.61
N ILE A 249 -7.33 -7.25 -12.75
CA ILE A 249 -6.86 -7.75 -14.02
C ILE A 249 -7.44 -9.13 -14.26
N HIS A 250 -8.30 -9.22 -15.28
CA HIS A 250 -8.86 -10.48 -15.72
C HIS A 250 -7.97 -10.94 -16.85
N MET A 251 -7.61 -12.21 -16.83
CA MET A 251 -6.74 -12.79 -17.84
C MET A 251 -7.33 -14.09 -18.31
N LYS A 252 -7.21 -14.35 -19.63
CA LYS A 252 -7.67 -15.63 -20.20
C LYS A 252 -6.62 -16.20 -21.11
N GLU A 253 -6.51 -17.53 -21.13
CA GLU A 253 -5.51 -18.21 -21.94
C GLU A 253 -6.03 -19.59 -22.22
N THR A 254 -5.97 -20.00 -23.49
CA THR A 254 -6.32 -21.36 -23.88
C THR A 254 -5.18 -22.32 -23.51
N THR A 255 -5.49 -23.46 -22.92
CA THR A 255 -4.47 -24.48 -22.75
C THR A 255 -4.40 -25.45 -23.94
N ILE A 256 -5.37 -26.36 -24.01
CA ILE A 256 -5.57 -27.29 -25.13
C ILE A 256 -7.07 -27.21 -25.42
N ASP A 257 -7.49 -27.26 -26.69
CA ASP A 257 -8.91 -26.91 -26.99
C ASP A 257 -9.94 -27.67 -26.18
N GLY A 258 -10.88 -26.93 -25.62
CA GLY A 258 -11.85 -27.45 -24.67
C GLY A 258 -11.59 -26.81 -23.32
N GLU A 259 -10.33 -26.42 -23.11
CA GLU A 259 -9.87 -25.98 -21.80
C GLU A 259 -9.36 -24.54 -21.84
N GLU A 260 -9.79 -23.76 -20.85
CA GLU A 260 -9.27 -22.42 -20.63
C GLU A 260 -8.85 -22.23 -19.17
N LEU A 261 -7.77 -21.47 -18.98
CA LEU A 261 -7.36 -21.03 -17.64
C LEU A 261 -7.75 -19.57 -17.49
N VAL A 262 -8.61 -19.27 -16.51
CA VAL A 262 -8.94 -17.86 -16.22
C VAL A 262 -8.38 -17.48 -14.85
N LYS A 263 -7.51 -16.46 -14.83
CA LYS A 263 -6.89 -15.94 -13.59
C LYS A 263 -7.43 -14.54 -13.33
N ILE A 264 -7.62 -14.16 -12.08
CA ILE A 264 -7.86 -12.74 -11.76
C ILE A 264 -6.84 -12.23 -10.76
N GLY A 265 -6.25 -11.08 -11.06
CA GLY A 265 -5.20 -10.52 -10.25
C GLY A 265 -5.63 -9.15 -9.79
N LYS A 266 -5.30 -8.82 -8.54
CA LYS A 266 -5.79 -7.62 -7.93
C LYS A 266 -4.61 -6.97 -7.22
N LEU A 267 -4.37 -5.68 -7.50
CA LEU A 267 -3.41 -4.91 -6.71
C LEU A 267 -4.06 -3.72 -6.06
N ASN A 268 -3.85 -3.58 -4.76
CA ASN A 268 -4.24 -2.38 -4.00
C ASN A 268 -3.03 -1.55 -3.57
N LEU A 269 -3.03 -0.28 -3.91
CA LEU A 269 -1.97 0.63 -3.48
C LEU A 269 -2.49 1.55 -2.40
N VAL A 270 -2.10 1.29 -1.16
CA VAL A 270 -2.62 2.07 -0.06
C VAL A 270 -1.63 3.11 0.40
N ASP A 271 -2.08 4.35 0.41
CA ASP A 271 -1.30 5.48 0.83
C ASP A 271 -1.94 5.91 2.10
N LEU A 272 -1.31 5.50 3.20
CA LEU A 272 -1.81 5.79 4.54
C LEU A 272 -1.47 7.21 4.96
N ALA A 273 -2.42 7.88 5.60
CA ALA A 273 -2.21 9.22 6.13
C ALA A 273 -1.25 9.17 7.32
N GLY A 274 -0.52 10.27 7.53
CA GLY A 274 0.42 10.35 8.64
C GLY A 274 -0.27 10.71 9.96
N SER A 275 0.44 10.46 11.05
CA SER A 275 -0.08 10.78 12.38
C SER A 275 0.49 12.11 12.88
N ILE A 294 -6.87 9.61 17.33
CA ILE A 294 -7.55 10.60 16.40
C ILE A 294 -7.83 10.15 14.96
N ASN A 295 -7.14 9.12 14.46
CA ASN A 295 -7.40 8.58 13.11
C ASN A 295 -7.77 7.10 13.23
N GLN A 296 -9.06 6.84 13.33
CA GLN A 296 -9.57 5.51 13.57
C GLN A 296 -8.91 4.44 12.71
N SER A 297 -8.81 4.72 11.40
CA SER A 297 -8.21 3.75 10.48
C SER A 297 -6.76 3.51 10.85
N LEU A 298 -5.98 4.56 11.02
CA LEU A 298 -4.59 4.38 11.41
C LEU A 298 -4.49 3.64 12.74
N LEU A 299 -5.15 4.16 13.77
CA LEU A 299 -5.15 3.53 15.09
C LEU A 299 -5.47 2.03 14.99
N THR A 300 -6.60 1.70 14.37
CA THR A 300 -7.04 0.30 14.26
C THR A 300 -6.04 -0.52 13.45
N LEU A 301 -5.53 0.07 12.36
CA LEU A 301 -4.42 -0.53 11.62
C LEU A 301 -3.32 -0.98 12.57
N GLY A 302 -2.96 -0.10 13.52
CA GLY A 302 -2.01 -0.45 14.57
C GLY A 302 -2.44 -1.64 15.40
N ARG A 303 -3.63 -1.55 15.98
CA ARG A 303 -4.14 -2.58 16.88
C ARG A 303 -4.31 -3.94 16.17
N VAL A 304 -4.54 -3.90 14.87
CA VAL A 304 -4.68 -5.11 14.07
C VAL A 304 -3.30 -5.73 13.96
N ILE A 305 -2.28 -4.91 13.66
CA ILE A 305 -0.90 -5.38 13.58
C ILE A 305 -0.61 -6.12 14.90
N THR A 306 -0.74 -5.38 15.99
CA THR A 306 -0.46 -5.90 17.31
C THR A 306 -1.23 -7.19 17.61
N ALA A 307 -2.50 -7.24 17.24
CA ALA A 307 -3.30 -8.40 17.59
C ALA A 307 -2.79 -9.59 16.84
N LEU A 308 -2.59 -9.44 15.54
CA LEU A 308 -2.11 -10.54 14.74
C LEU A 308 -0.80 -11.10 15.28
N VAL A 309 0.09 -10.24 15.75
CA VAL A 309 1.39 -10.71 16.22
C VAL A 309 1.31 -11.32 17.61
N GLU A 310 0.55 -10.70 18.50
CA GLU A 310 0.45 -11.21 19.85
C GLU A 310 -0.52 -12.39 19.94
N ARG A 311 -1.16 -12.70 18.81
CA ARG A 311 -2.02 -13.88 18.70
C ARG A 311 -3.25 -13.78 19.60
N THR A 312 -3.81 -12.59 19.73
CA THR A 312 -5.02 -12.42 20.51
C THR A 312 -6.19 -12.92 19.66
N PRO A 313 -7.18 -13.56 20.29
CA PRO A 313 -8.35 -14.10 19.60
C PRO A 313 -9.12 -13.09 18.77
N HIS A 314 -9.31 -11.88 19.27
CA HIS A 314 -10.16 -10.91 18.56
C HIS A 314 -9.34 -9.84 17.88
N VAL A 315 -9.37 -9.85 16.55
CA VAL A 315 -8.64 -8.87 15.76
C VAL A 315 -9.65 -7.83 15.34
N PRO A 316 -9.47 -6.58 15.81
CA PRO A 316 -10.46 -5.52 15.68
C PRO A 316 -10.60 -4.96 14.26
N TYR A 317 -10.74 -5.86 13.28
CA TYR A 317 -10.88 -5.49 11.87
C TYR A 317 -12.03 -4.53 11.64
N ARG A 318 -13.22 -4.92 12.10
CA ARG A 318 -14.43 -4.12 11.94
C ARG A 318 -14.41 -2.80 12.68
N GLU A 319 -13.38 -2.54 13.48
CA GLU A 319 -13.35 -1.28 14.22
C GLU A 319 -12.88 -0.08 13.38
N SER A 320 -12.70 -0.26 12.08
CA SER A 320 -12.43 0.88 11.18
C SER A 320 -12.66 0.52 9.71
N LYS A 321 -13.06 1.52 8.93
CA LYS A 321 -13.37 1.31 7.51
C LYS A 321 -12.17 0.78 6.73
N LEU A 322 -10.98 1.36 6.98
CA LEU A 322 -9.77 0.92 6.31
C LEU A 322 -9.44 -0.51 6.62
N THR A 323 -9.46 -0.88 7.89
CA THR A 323 -9.10 -2.26 8.23
C THR A 323 -10.19 -3.24 7.83
N ARG A 324 -11.38 -2.73 7.58
CA ARG A 324 -12.48 -3.60 7.15
C ARG A 324 -12.34 -3.84 5.65
N ILE A 325 -12.09 -2.78 4.92
CA ILE A 325 -11.82 -2.87 3.49
C ILE A 325 -10.62 -3.77 3.16
N LEU A 326 -9.53 -3.68 3.92
CA LEU A 326 -8.29 -4.40 3.60
C LEU A 326 -7.95 -5.50 4.59
N GLN A 327 -8.99 -6.20 5.06
CA GLN A 327 -8.84 -7.25 6.08
C GLN A 327 -8.00 -8.42 5.56
N ASP A 328 -8.19 -8.76 4.30
CA ASP A 328 -7.52 -9.90 3.75
C ASP A 328 -6.00 -9.67 3.62
N SER A 329 -5.57 -8.44 3.86
CA SER A 329 -4.18 -8.06 3.64
C SER A 329 -3.40 -8.28 4.91
N LEU A 330 -4.11 -8.63 5.97
CA LEU A 330 -3.53 -8.67 7.29
C LEU A 330 -3.85 -10.01 7.94
N GLY A 331 -2.99 -10.98 7.66
CA GLY A 331 -3.25 -12.35 8.08
C GLY A 331 -4.22 -13.06 7.15
N GLY A 332 -4.48 -12.45 5.98
CA GLY A 332 -5.48 -12.95 5.03
C GLY A 332 -4.88 -13.76 3.93
N ARG A 333 -5.57 -13.82 2.79
CA ARG A 333 -5.08 -14.60 1.64
C ARG A 333 -4.43 -13.72 0.57
N THR A 334 -3.89 -12.59 1.04
CA THR A 334 -3.30 -11.59 0.19
C THR A 334 -1.79 -11.48 0.46
N ARG A 335 -1.04 -11.18 -0.60
CA ARG A 335 0.36 -10.96 -0.55
C ARG A 335 0.53 -9.50 -0.26
N THR A 336 1.15 -9.20 0.87
CA THR A 336 1.22 -7.83 1.38
C THR A 336 2.66 -7.33 1.58
N SER A 337 2.89 -6.08 1.14
CA SER A 337 4.14 -5.41 1.36
C SER A 337 3.89 -4.06 1.98
N ILE A 338 4.85 -3.61 2.79
CA ILE A 338 4.79 -2.32 3.45
C ILE A 338 6.07 -1.57 3.21
N ILE A 339 5.94 -0.32 2.79
CA ILE A 339 7.05 0.61 2.62
C ILE A 339 6.84 1.74 3.62
N ALA A 340 7.67 1.77 4.66
CA ALA A 340 7.60 2.80 5.70
C ALA A 340 8.78 3.76 5.51
N THR A 341 8.50 5.05 5.36
CA THR A 341 9.59 6.01 5.24
C THR A 341 9.78 6.69 6.59
N ILE A 342 11.02 7.05 6.90
CA ILE A 342 11.34 7.61 8.19
C ILE A 342 12.25 8.81 8.05
N SER A 343 12.05 9.79 8.93
CA SER A 343 12.87 10.99 8.99
C SER A 343 14.27 10.61 9.47
N PRO A 344 15.31 11.27 8.93
CA PRO A 344 16.64 11.07 9.54
C PRO A 344 16.87 11.97 10.75
N ALA A 345 15.97 12.95 10.92
CA ALA A 345 16.14 14.04 11.86
C ALA A 345 15.95 13.65 13.32
N SER A 346 16.76 14.19 14.22
CA SER A 346 16.57 14.01 15.66
C SER A 346 15.28 14.67 16.17
N LEU A 347 14.75 15.59 15.36
CA LEU A 347 13.47 16.26 15.63
C LEU A 347 12.25 15.30 15.61
N ASN A 348 12.40 14.13 14.97
CA ASN A 348 11.30 13.19 14.78
C ASN A 348 11.54 11.80 15.41
N LEU A 349 12.45 11.75 16.39
CA LEU A 349 12.84 10.49 17.01
C LEU A 349 11.63 9.65 17.42
N GLU A 350 10.59 10.28 17.94
CA GLU A 350 9.39 9.55 18.41
C GLU A 350 8.57 8.95 17.26
N GLU A 351 8.27 9.75 16.23
CA GLU A 351 7.55 9.25 15.06
C GLU A 351 8.36 8.14 14.43
N THR A 352 9.67 8.36 14.30
CA THR A 352 10.54 7.34 13.76
C THR A 352 10.54 6.08 14.63
N LEU A 353 10.66 6.28 15.94
CA LEU A 353 10.66 5.15 16.85
C LEU A 353 9.35 4.39 16.67
N SER A 354 8.27 5.13 16.47
CA SER A 354 6.93 4.56 16.26
C SER A 354 6.81 3.73 14.97
N THR A 355 7.25 4.30 13.86
CA THR A 355 7.04 3.71 12.55
C THR A 355 7.75 2.39 12.47
N LEU A 356 8.95 2.37 13.04
CA LEU A 356 9.74 1.18 13.14
C LEU A 356 9.10 0.15 14.10
N GLU A 357 8.42 0.57 15.16
CA GLU A 357 7.73 -0.46 15.94
C GLU A 357 6.66 -1.20 15.15
N TYR A 358 5.74 -0.46 14.54
CA TYR A 358 4.69 -1.09 13.72
C TYR A 358 5.27 -1.90 12.58
N ALA A 359 6.31 -1.36 11.93
CA ALA A 359 6.84 -2.00 10.76
C ALA A 359 7.50 -3.29 11.19
N HIS A 360 8.23 -3.21 12.30
CA HIS A 360 8.87 -4.38 12.86
C HIS A 360 7.87 -5.43 13.32
N ARG A 361 6.76 -5.04 13.92
CA ARG A 361 5.73 -6.04 14.26
C ARG A 361 5.15 -6.59 12.98
N ALA A 362 4.80 -5.71 12.04
CA ALA A 362 4.16 -6.16 10.82
C ALA A 362 4.88 -7.28 10.08
N LYS A 363 6.21 -7.20 9.95
CA LYS A 363 6.97 -8.27 9.28
C LYS A 363 6.78 -9.65 9.96
N ASN A 364 6.24 -9.69 11.16
CA ASN A 364 5.92 -10.98 11.78
C ASN A 364 4.55 -11.60 11.51
N ILE A 365 3.69 -10.90 10.76
CA ILE A 365 2.39 -11.45 10.41
C ILE A 365 2.55 -12.40 9.24
N LEU A 366 2.00 -13.60 9.36
CA LEU A 366 1.92 -14.58 8.29
C LEU A 366 0.66 -14.41 7.45
N ASN A 367 0.79 -14.23 6.16
CA ASN A 367 -0.39 -14.33 5.30
C ASN A 367 -0.35 -15.65 4.53
N LYS A 368 -1.48 -16.01 3.92
CA LYS A 368 -1.51 -17.25 3.18
C LYS A 368 -2.08 -16.99 1.79
N PRO A 369 -1.25 -16.44 0.89
CA PRO A 369 -1.80 -16.07 -0.40
C PRO A 369 -2.19 -17.26 -1.25
N GLU A 370 -3.26 -17.13 -2.03
CA GLU A 370 -3.70 -18.20 -2.93
C GLU A 370 -3.89 -17.64 -4.35
N VAL A 371 -3.54 -18.42 -5.36
CA VAL A 371 -3.78 -18.00 -6.72
C VAL A 371 -5.27 -18.09 -7.06
N ASN A 372 -5.83 -17.03 -7.59
CA ASN A 372 -7.21 -17.08 -7.98
C ASN A 372 -7.35 -17.36 -9.47
N GLN A 373 -7.75 -18.59 -9.78
CA GLN A 373 -7.77 -19.12 -11.14
C GLN A 373 -8.76 -20.27 -11.30
N LYS A 374 -9.43 -20.37 -12.45
CA LYS A 374 -10.36 -21.47 -12.79
C LYS A 374 -9.87 -22.17 -14.03
N LEU A 375 -9.88 -23.51 -14.02
CA LEU A 375 -9.53 -24.27 -15.22
C LEU A 375 -10.77 -24.70 -16.01
O2 B4S B . -2.97 5.15 16.44
S B4S B . -1.77 5.89 16.10
O1 B4S B . -1.00 6.08 17.32
N B4S B . -2.20 7.29 15.48
C10 B4S B . -0.91 5.08 15.00
C9 B4S B . -1.04 3.69 14.85
C8 B4S B . -0.30 3.00 13.89
C11 B4S B . -0.01 5.74 14.18
C12 B4S B . 0.73 5.06 13.22
C7 B4S B . 0.59 3.69 13.08
C6 B4S B . 1.39 2.97 12.05
C13 B4S B . 0.79 1.89 11.38
C1 B4S B . 1.57 1.26 10.41
F1 B4S B . 1.16 0.23 9.70
C5 B4S B . 2.69 3.41 11.75
C4 B4S B . 3.47 2.79 10.79
C2 B4S B . 2.93 1.71 10.10
C3 B4S B . 3.63 0.91 9.05
F2 B4S B . 4.66 1.60 8.57
F3 B4S B . 2.72 0.68 8.09
F4 B4S B . 3.98 -0.27 9.64
#